data_8B6Y
#
_entry.id   8B6Y
#
_entity_poly.entity_id   1
_entity_poly.type   'polypeptide(L)'
_entity_poly.pdbx_seq_one_letter_code
;NWFDITNWLWYIKLFIMIVGKKKKK
;
_entity_poly.pdbx_strand_id   A
#
# COMPACT_ATOMS: atom_id res chain seq x y z
N ASN A 1 6.52 10.44 -15.52
CA ASN A 1 7.40 10.42 -14.35
C ASN A 1 6.59 10.39 -13.06
N TRP A 2 5.50 11.15 -13.04
CA TRP A 2 4.63 11.21 -11.85
C TRP A 2 4.06 9.83 -11.54
N PHE A 3 3.85 9.02 -12.58
CA PHE A 3 3.31 7.67 -12.41
C PHE A 3 4.30 6.77 -11.68
N ASP A 4 5.58 7.10 -11.80
CA ASP A 4 6.63 6.31 -11.14
C ASP A 4 6.43 6.30 -9.64
N ILE A 5 5.84 7.36 -9.10
CA ILE A 5 5.60 7.46 -7.67
C ILE A 5 4.29 6.79 -7.30
N THR A 6 3.27 6.96 -8.14
CA THR A 6 1.96 6.37 -7.89
C THR A 6 2.06 4.84 -7.80
N ASN A 7 2.79 4.25 -8.74
CA ASN A 7 2.95 2.80 -8.76
C ASN A 7 3.66 2.31 -7.51
N TRP A 8 4.60 3.11 -7.02
CA TRP A 8 5.35 2.76 -5.81
C TRP A 8 4.45 2.81 -4.58
N LEU A 9 3.45 3.68 -4.61
CA LEU A 9 2.52 3.82 -3.49
C LEU A 9 1.50 2.70 -3.49
N TRP A 10 1.15 2.22 -4.68
CA TRP A 10 0.17 1.15 -4.82
C TRP A 10 0.73 -0.17 -4.27
N TYR A 11 2.05 -0.29 -4.26
CA TYR A 11 2.70 -1.48 -3.76
C TYR A 11 2.43 -1.67 -2.26
N ILE A 12 2.70 -0.62 -1.49
CA ILE A 12 2.49 -0.66 -0.05
C ILE A 12 1.03 -0.37 0.30
N LYS A 13 0.35 0.36 -0.58
CA LYS A 13 -1.05 0.71 -0.36
C LYS A 13 -1.87 -0.54 -0.07
N LEU A 14 -1.89 -1.48 -1.01
CA LEU A 14 -2.63 -2.72 -0.85
C LEU A 14 -2.13 -3.51 0.34
N PHE A 15 -0.83 -3.40 0.61
CA PHE A 15 -0.22 -4.11 1.73
C PHE A 15 -0.91 -3.74 3.05
N ILE A 16 -1.25 -2.47 3.19
CA ILE A 16 -1.92 -1.99 4.39
C ILE A 16 -3.34 -2.53 4.49
N MET A 17 -3.91 -2.87 3.35
CA MET A 17 -5.27 -3.40 3.31
C MET A 17 -5.35 -4.74 4.02
N ILE A 18 -4.37 -5.60 3.77
CA ILE A 18 -4.32 -6.92 4.38
C ILE A 18 -3.86 -6.84 5.84
N VAL A 19 -2.62 -6.40 6.03
CA VAL A 19 -2.06 -6.27 7.38
C VAL A 19 -2.93 -5.37 8.25
N GLY A 20 -3.67 -4.48 7.60
CA GLY A 20 -4.54 -3.57 8.34
C GLY A 20 -5.50 -4.31 9.26
N LYS A 21 -6.08 -5.39 8.77
CA LYS A 21 -7.02 -6.18 9.55
C LYS A 21 -6.31 -6.88 10.71
N LYS A 22 -5.03 -7.19 10.51
CA LYS A 22 -4.24 -7.86 11.53
C LYS A 22 -3.89 -6.90 12.67
N LYS A 23 -3.74 -5.62 12.33
CA LYS A 23 -3.42 -4.60 13.32
C LYS A 23 -4.61 -4.30 14.21
N LYS A 24 -5.81 -4.52 13.67
CA LYS A 24 -7.04 -4.28 14.42
C LYS A 24 -7.48 -5.53 15.18
N LYS A 25 -7.48 -5.45 16.50
CA LYS A 25 -7.88 -6.57 17.34
C LYS A 25 -9.00 -6.17 18.30
N ASN A 1 7.54 11.73 -15.20
CA ASN A 1 7.95 10.65 -14.31
C ASN A 1 7.10 10.63 -13.04
N TRP A 2 5.88 11.13 -13.16
CA TRP A 2 4.95 11.18 -12.03
C TRP A 2 4.37 9.79 -11.75
N PHE A 3 4.05 9.07 -12.82
CA PHE A 3 3.48 7.73 -12.69
C PHE A 3 4.41 6.82 -11.89
N ASP A 4 5.71 7.11 -11.97
CA ASP A 4 6.71 6.31 -11.25
C ASP A 4 6.40 6.29 -9.75
N ILE A 5 5.81 7.36 -9.25
CA ILE A 5 5.48 7.46 -7.84
C ILE A 5 4.19 6.69 -7.53
N THR A 6 3.26 6.69 -8.46
CA THR A 6 1.99 5.99 -8.29
C THR A 6 2.21 4.48 -8.20
N ASN A 7 2.98 3.95 -9.15
CA ASN A 7 3.25 2.51 -9.18
C ASN A 7 3.98 2.08 -7.91
N TRP A 8 4.74 2.99 -7.33
CA TRP A 8 5.50 2.70 -6.11
C TRP A 8 4.57 2.71 -4.89
N LEU A 9 3.67 3.68 -4.84
CA LEU A 9 2.74 3.79 -3.73
C LEU A 9 1.73 2.65 -3.75
N TRP A 10 1.41 2.18 -4.95
CA TRP A 10 0.45 1.09 -5.11
C TRP A 10 1.01 -0.21 -4.55
N TYR A 11 2.33 -0.31 -4.52
CA TYR A 11 3.00 -1.51 -4.02
C TYR A 11 2.72 -1.70 -2.53
N ILE A 12 2.95 -0.66 -1.75
CA ILE A 12 2.71 -0.71 -0.31
C ILE A 12 1.24 -0.45 0.02
N LYS A 13 0.57 0.28 -0.86
CA LYS A 13 -0.83 0.61 -0.67
C LYS A 13 -1.65 -0.66 -0.40
N LEU A 14 -1.64 -1.58 -1.35
CA LEU A 14 -2.36 -2.83 -1.21
C LEU A 14 -1.87 -3.63 -0.01
N PHE A 15 -0.58 -3.51 0.28
CA PHE A 15 0.02 -4.22 1.41
C PHE A 15 -0.69 -3.86 2.72
N ILE A 16 -1.05 -2.59 2.86
CA ILE A 16 -1.74 -2.12 4.05
C ILE A 16 -3.15 -2.68 4.12
N MET A 17 -3.71 -3.04 2.97
CA MET A 17 -5.06 -3.58 2.90
C MET A 17 -5.13 -4.93 3.60
N ILE A 18 -4.13 -5.78 3.36
CA ILE A 18 -4.07 -7.10 3.97
C ILE A 18 -3.64 -7.02 5.43
N VAL A 19 -2.41 -6.56 5.64
CA VAL A 19 -1.87 -6.43 6.99
C VAL A 19 -2.77 -5.56 7.86
N GLY A 20 -3.51 -4.67 7.21
CA GLY A 20 -4.41 -3.78 7.94
C GLY A 20 -5.33 -4.53 8.88
N LYS A 21 -5.88 -5.65 8.41
CA LYS A 21 -6.79 -6.45 9.21
C LYS A 21 -6.05 -7.13 10.36
N LYS A 22 -4.76 -7.38 10.16
CA LYS A 22 -3.94 -8.02 11.18
C LYS A 22 -3.59 -7.03 12.28
N LYS A 23 -3.49 -5.76 11.93
CA LYS A 23 -3.17 -4.71 12.89
C LYS A 23 -4.33 -4.48 13.85
N LYS A 24 -5.54 -4.68 13.37
CA LYS A 24 -6.74 -4.50 14.19
C LYS A 24 -7.11 -5.80 14.90
N LYS A 25 -7.93 -5.68 15.94
CA LYS A 25 -8.36 -6.84 16.71
C LYS A 25 -9.78 -6.63 17.25
N ASN A 1 5.99 10.79 -15.62
CA ASN A 1 6.82 11.50 -14.64
C ASN A 1 6.52 11.04 -13.23
N TRP A 2 5.36 11.43 -12.71
CA TRP A 2 4.95 11.05 -11.36
C TRP A 2 4.41 9.62 -11.34
N PHE A 3 3.86 9.18 -12.46
CA PHE A 3 3.31 7.84 -12.57
C PHE A 3 4.33 6.80 -12.13
N ASP A 4 5.61 7.09 -12.33
CA ASP A 4 6.68 6.19 -11.95
C ASP A 4 6.60 5.85 -10.47
N ILE A 5 6.13 6.81 -9.67
CA ILE A 5 6.01 6.60 -8.23
C ILE A 5 4.72 5.87 -7.88
N THR A 6 3.72 6.00 -8.75
CA THR A 6 2.44 5.34 -8.54
C THR A 6 2.62 3.85 -8.29
N ASN A 7 3.25 3.17 -9.24
CA ASN A 7 3.49 1.74 -9.12
C ASN A 7 4.24 1.41 -7.84
N TRP A 8 5.03 2.36 -7.37
CA TRP A 8 5.81 2.17 -6.15
C TRP A 8 4.91 2.27 -4.92
N LEU A 9 4.18 3.37 -4.81
CA LEU A 9 3.28 3.58 -3.67
C LEU A 9 2.20 2.51 -3.64
N TRP A 10 1.82 2.01 -4.80
CA TRP A 10 0.79 0.97 -4.90
C TRP A 10 1.28 -0.33 -4.30
N TYR A 11 2.60 -0.52 -4.29
CA TYR A 11 3.20 -1.73 -3.75
C TYR A 11 2.93 -1.84 -2.25
N ILE A 12 3.25 -0.79 -1.52
CA ILE A 12 3.05 -0.77 -0.08
C ILE A 12 1.60 -0.40 0.27
N LYS A 13 0.96 0.34 -0.63
CA LYS A 13 -0.42 0.76 -0.42
C LYS A 13 -1.31 -0.43 -0.08
N LEU A 14 -1.37 -1.40 -0.99
CA LEU A 14 -2.18 -2.59 -0.79
C LEU A 14 -1.70 -3.37 0.44
N PHE A 15 -0.40 -3.31 0.70
CA PHE A 15 0.18 -4.00 1.84
C PHE A 15 -0.48 -3.56 3.14
N ILE A 16 -0.73 -2.26 3.25
CA ILE A 16 -1.35 -1.71 4.45
C ILE A 16 -2.80 -2.17 4.58
N MET A 17 -3.40 -2.53 3.46
CA MET A 17 -4.78 -3.00 3.46
C MET A 17 -4.91 -4.32 4.22
N ILE A 18 -3.96 -5.22 4.01
CA ILE A 18 -3.97 -6.51 4.67
C ILE A 18 -3.44 -6.40 6.10
N VAL A 19 -2.18 -6.02 6.24
CA VAL A 19 -1.57 -5.87 7.55
C VAL A 19 -2.34 -4.89 8.41
N GLY A 20 -3.06 -3.97 7.76
CA GLY A 20 -3.85 -3.00 8.49
C GLY A 20 -4.83 -3.63 9.45
N LYS A 21 -5.30 -4.83 9.11
CA LYS A 21 -6.25 -5.54 9.95
C LYS A 21 -5.54 -6.20 11.14
N LYS A 22 -4.37 -6.77 10.88
CA LYS A 22 -3.59 -7.42 11.93
C LYS A 22 -3.30 -6.45 13.07
N LYS A 23 -2.92 -5.22 12.72
CA LYS A 23 -2.61 -4.21 13.70
C LYS A 23 -3.82 -3.91 14.59
N LYS A 24 -5.01 -3.93 13.98
CA LYS A 24 -6.24 -3.67 14.70
C LYS A 24 -6.58 -4.83 15.63
N LYS A 25 -6.81 -6.00 15.05
CA LYS A 25 -7.15 -7.19 15.83
C LYS A 25 -6.04 -8.24 15.71
N ASN A 1 7.42 11.72 -15.26
CA ASN A 1 7.27 10.31 -14.89
C ASN A 1 6.49 10.17 -13.59
N TRP A 2 5.44 10.96 -13.45
CA TRP A 2 4.61 10.92 -12.25
C TRP A 2 4.10 9.51 -11.98
N PHE A 3 3.83 8.77 -13.06
CA PHE A 3 3.34 7.40 -12.94
C PHE A 3 4.33 6.53 -12.17
N ASP A 4 5.60 6.91 -12.22
CA ASP A 4 6.65 6.17 -11.52
C ASP A 4 6.38 6.13 -10.01
N ILE A 5 5.80 7.21 -9.50
CA ILE A 5 5.49 7.30 -8.08
C ILE A 5 4.21 6.52 -7.74
N THR A 6 3.23 6.60 -8.65
CA THR A 6 1.97 5.91 -8.45
C THR A 6 2.17 4.43 -8.19
N ASN A 7 2.87 3.76 -9.10
CA ASN A 7 3.14 2.33 -8.96
C ASN A 7 3.78 2.03 -7.61
N TRP A 8 4.65 2.93 -7.16
CA TRP A 8 5.34 2.75 -5.88
C TRP A 8 4.35 2.85 -4.73
N LEU A 9 3.41 3.77 -4.83
CA LEU A 9 2.41 3.96 -3.79
C LEU A 9 1.45 2.78 -3.72
N TRP A 10 1.12 2.23 -4.88
CA TRP A 10 0.22 1.08 -4.96
C TRP A 10 0.88 -0.16 -4.35
N TYR A 11 2.20 -0.19 -4.35
CA TYR A 11 2.94 -1.32 -3.79
C TYR A 11 2.70 -1.45 -2.30
N ILE A 12 2.90 -0.35 -1.58
CA ILE A 12 2.70 -0.34 -0.13
C ILE A 12 1.24 -0.13 0.22
N LYS A 13 0.50 0.52 -0.67
CA LYS A 13 -0.93 0.78 -0.47
C LYS A 13 -1.66 -0.51 -0.11
N LEU A 14 -1.62 -1.48 -1.01
CA LEU A 14 -2.29 -2.76 -0.79
C LEU A 14 -1.72 -3.47 0.43
N PHE A 15 -0.43 -3.25 0.69
CA PHE A 15 0.24 -3.87 1.83
C PHE A 15 -0.45 -3.48 3.14
N ILE A 16 -0.84 -2.22 3.24
CA ILE A 16 -1.52 -1.72 4.44
C ILE A 16 -2.89 -2.35 4.60
N MET A 17 -3.46 -2.79 3.49
CA MET A 17 -4.79 -3.41 3.49
C MET A 17 -4.75 -4.74 4.27
N ILE A 18 -3.68 -5.50 4.07
CA ILE A 18 -3.53 -6.79 4.74
C ILE A 18 -2.98 -6.60 6.15
N VAL A 19 -1.74 -6.10 6.22
CA VAL A 19 -1.09 -5.87 7.51
C VAL A 19 -1.94 -4.98 8.41
N GLY A 20 -2.79 -4.16 7.79
CA GLY A 20 -3.66 -3.27 8.54
C GLY A 20 -4.63 -4.01 9.43
N LYS A 21 -5.12 -5.14 8.94
CA LYS A 21 -6.07 -5.94 9.70
C LYS A 21 -5.35 -6.76 10.77
N LYS A 22 -4.12 -7.17 10.48
CA LYS A 22 -3.33 -7.94 11.42
C LYS A 22 -3.19 -7.21 12.75
N LYS A 23 -3.07 -5.89 12.69
CA LYS A 23 -2.93 -5.07 13.89
C LYS A 23 -4.27 -4.89 14.58
N LYS A 24 -5.33 -4.73 13.79
CA LYS A 24 -6.67 -4.56 14.34
C LYS A 24 -7.23 -5.88 14.85
N LYS A 25 -7.42 -5.97 16.16
CA LYS A 25 -7.95 -7.18 16.78
C LYS A 25 -7.00 -8.36 16.57
N ASN A 1 6.63 10.74 -16.12
CA ASN A 1 7.62 10.25 -15.17
C ASN A 1 6.98 10.02 -13.79
N TRP A 2 5.94 10.79 -13.49
CA TRP A 2 5.24 10.68 -12.22
C TRP A 2 4.66 9.28 -12.04
N PHE A 3 4.36 8.62 -13.15
CA PHE A 3 3.80 7.28 -13.13
C PHE A 3 4.65 6.36 -12.25
N ASP A 4 5.94 6.63 -12.19
CA ASP A 4 6.86 5.83 -11.39
C ASP A 4 6.42 5.81 -9.93
N ILE A 5 5.94 6.95 -9.44
CA ILE A 5 5.50 7.06 -8.05
C ILE A 5 4.10 6.47 -7.88
N THR A 6 3.33 6.47 -8.96
CA THR A 6 1.98 5.93 -8.92
C THR A 6 1.97 4.46 -8.52
N ASN A 7 2.76 3.66 -9.21
CA ASN A 7 2.85 2.23 -8.91
C ASN A 7 3.48 2.00 -7.54
N TRP A 8 4.31 2.95 -7.11
CA TRP A 8 4.97 2.84 -5.81
C TRP A 8 3.96 2.89 -4.67
N LEU A 9 3.20 3.98 -4.60
CA LEU A 9 2.19 4.15 -3.56
C LEU A 9 1.19 3.01 -3.59
N TRP A 10 0.96 2.44 -4.77
CA TRP A 10 0.03 1.35 -4.93
C TRP A 10 0.57 0.07 -4.29
N TYR A 11 1.90 -0.02 -4.19
CA TYR A 11 2.54 -1.18 -3.60
C TYR A 11 2.28 -1.24 -2.09
N ILE A 12 2.45 -0.11 -1.42
CA ILE A 12 2.23 -0.03 0.01
C ILE A 12 0.75 0.16 0.34
N LYS A 13 0.04 0.84 -0.56
CA LYS A 13 -1.38 1.09 -0.37
C LYS A 13 -2.13 -0.20 -0.06
N LEU A 14 -2.07 -1.15 -0.99
CA LEU A 14 -2.74 -2.43 -0.83
C LEU A 14 -2.18 -3.18 0.39
N PHE A 15 -0.91 -2.95 0.68
CA PHE A 15 -0.26 -3.59 1.82
C PHE A 15 -0.97 -3.24 3.13
N ILE A 16 -1.34 -1.98 3.27
CA ILE A 16 -2.02 -1.51 4.47
C ILE A 16 -3.40 -2.16 4.60
N MET A 17 -3.95 -2.58 3.47
CA MET A 17 -5.27 -3.22 3.45
C MET A 17 -5.24 -4.54 4.21
N ILE A 18 -4.19 -5.32 3.99
CA ILE A 18 -4.04 -6.61 4.64
C ILE A 18 -3.55 -6.45 6.08
N VAL A 19 -2.34 -5.93 6.22
CA VAL A 19 -1.75 -5.71 7.54
C VAL A 19 -2.66 -4.83 8.41
N GLY A 20 -3.48 -4.02 7.76
CA GLY A 20 -4.39 -3.14 8.48
C GLY A 20 -5.34 -3.92 9.38
N LYS A 21 -6.05 -4.86 8.80
CA LYS A 21 -7.01 -5.67 9.56
C LYS A 21 -6.28 -6.66 10.46
N LYS A 22 -5.14 -7.15 10.00
CA LYS A 22 -4.35 -8.10 10.77
C LYS A 22 -3.93 -7.51 12.11
N LYS A 23 -3.64 -6.21 12.12
CA LYS A 23 -3.24 -5.52 13.33
C LYS A 23 -4.38 -5.47 14.33
N LYS A 24 -5.60 -5.27 13.84
CA LYS A 24 -6.78 -5.22 14.69
C LYS A 24 -7.27 -6.62 15.04
N LYS A 25 -7.34 -6.91 16.34
CA LYS A 25 -7.81 -8.20 16.80
C LYS A 25 -8.90 -8.05 17.86
N ASN A 1 9.07 10.15 -13.87
CA ASN A 1 7.71 10.52 -14.25
C ASN A 1 6.77 10.46 -13.06
N TRP A 2 5.58 11.03 -13.23
CA TRP A 2 4.58 11.03 -12.16
C TRP A 2 4.06 9.63 -11.90
N PHE A 3 4.07 8.79 -12.93
CA PHE A 3 3.60 7.41 -12.81
C PHE A 3 4.56 6.58 -11.97
N ASP A 4 5.83 6.96 -11.97
CA ASP A 4 6.85 6.25 -11.20
C ASP A 4 6.46 6.18 -9.73
N ILE A 5 5.82 7.24 -9.24
CA ILE A 5 5.39 7.30 -7.85
C ILE A 5 4.11 6.49 -7.63
N THR A 6 3.30 6.38 -8.68
CA THR A 6 2.05 5.64 -8.61
C THR A 6 2.29 4.16 -8.32
N ASN A 7 3.08 3.52 -9.16
CA ASN A 7 3.39 2.11 -9.00
C ASN A 7 4.09 1.86 -7.66
N TRP A 8 4.77 2.87 -7.16
CA TRP A 8 5.48 2.76 -5.89
C TRP A 8 4.50 2.73 -4.73
N LEU A 9 3.71 3.78 -4.59
CA LEU A 9 2.73 3.88 -3.52
C LEU A 9 1.73 2.73 -3.59
N TRP A 10 1.54 2.20 -4.79
CA TRP A 10 0.61 1.09 -5.00
C TRP A 10 1.15 -0.19 -4.37
N TYR A 11 2.46 -0.28 -4.25
CA TYR A 11 3.10 -1.46 -3.67
C TYR A 11 2.81 -1.55 -2.18
N ILE A 12 2.96 -0.42 -1.48
CA ILE A 12 2.71 -0.39 -0.04
C ILE A 12 1.22 -0.21 0.26
N LYS A 13 0.53 0.49 -0.64
CA LYS A 13 -0.90 0.73 -0.48
C LYS A 13 -1.65 -0.58 -0.23
N LEU A 14 -1.55 -1.50 -1.18
CA LEU A 14 -2.22 -2.79 -1.06
C LEU A 14 -1.70 -3.56 0.16
N PHE A 15 -0.43 -3.34 0.49
CA PHE A 15 0.19 -4.01 1.62
C PHE A 15 -0.57 -3.70 2.92
N ILE A 16 -0.94 -2.44 3.09
CA ILE A 16 -1.65 -2.00 4.27
C ILE A 16 -3.04 -2.66 4.35
N MET A 17 -3.55 -3.07 3.20
CA MET A 17 -4.86 -3.70 3.13
C MET A 17 -4.85 -5.04 3.86
N ILE A 18 -3.79 -5.83 3.62
CA ILE A 18 -3.66 -7.13 4.24
C ILE A 18 -3.24 -7.00 5.71
N VAL A 19 -2.04 -6.46 5.93
CA VAL A 19 -1.52 -6.28 7.27
C VAL A 19 -2.48 -5.44 8.12
N GLY A 20 -3.29 -4.63 7.46
CA GLY A 20 -4.24 -3.78 8.16
C GLY A 20 -5.15 -4.58 9.07
N LYS A 21 -5.73 -5.66 8.54
CA LYS A 21 -6.63 -6.50 9.31
C LYS A 21 -5.88 -7.17 10.46
N LYS A 22 -4.58 -7.36 10.30
CA LYS A 22 -3.76 -7.97 11.33
C LYS A 22 -3.57 -7.04 12.52
N LYS A 23 -3.20 -5.79 12.23
CA LYS A 23 -3.00 -4.80 13.28
C LYS A 23 -4.26 -4.62 14.12
N LYS A 24 -5.42 -4.77 13.47
CA LYS A 24 -6.69 -4.62 14.16
C LYS A 24 -7.09 -5.92 14.84
N LYS A 25 -7.87 -5.81 15.91
CA LYS A 25 -8.34 -6.98 16.65
C LYS A 25 -9.80 -7.27 16.36
N ASN A 1 8.66 10.52 -14.97
CA ASN A 1 7.30 10.01 -15.08
C ASN A 1 6.61 9.98 -13.71
N TRP A 2 5.31 10.27 -13.71
CA TRP A 2 4.54 10.28 -12.47
C TRP A 2 4.17 8.87 -12.05
N PHE A 3 4.06 7.97 -13.02
CA PHE A 3 3.70 6.58 -12.76
C PHE A 3 4.61 5.98 -11.68
N ASP A 4 5.87 6.40 -11.69
CA ASP A 4 6.85 5.91 -10.72
C ASP A 4 6.35 6.14 -9.29
N ILE A 5 5.68 7.26 -9.07
CA ILE A 5 5.16 7.60 -7.76
C ILE A 5 3.86 6.83 -7.47
N THR A 6 2.91 6.94 -8.39
CA THR A 6 1.62 6.27 -8.24
C THR A 6 1.82 4.77 -7.99
N ASN A 7 2.80 4.19 -8.67
CA ASN A 7 3.09 2.76 -8.52
C ASN A 7 3.72 2.48 -7.17
N TRP A 8 4.57 3.40 -6.71
CA TRP A 8 5.26 3.24 -5.43
C TRP A 8 4.25 3.25 -4.29
N LEU A 9 3.49 4.33 -4.17
CA LEU A 9 2.50 4.45 -3.10
C LEU A 9 1.48 3.33 -3.18
N TRP A 10 1.22 2.85 -4.39
CA TRP A 10 0.26 1.77 -4.59
C TRP A 10 0.81 0.45 -4.05
N TYR A 11 2.13 0.35 -3.98
CA TYR A 11 2.77 -0.87 -3.48
C TYR A 11 2.53 -1.03 -1.98
N ILE A 12 2.74 0.06 -1.24
CA ILE A 12 2.54 0.04 0.21
C ILE A 12 1.07 0.24 0.56
N LYS A 13 0.36 0.98 -0.27
CA LYS A 13 -1.06 1.25 -0.05
C LYS A 13 -1.82 -0.05 0.19
N LEU A 14 -1.78 -0.94 -0.80
CA LEU A 14 -2.47 -2.23 -0.69
C LEU A 14 -1.92 -3.06 0.46
N PHE A 15 -0.64 -2.86 0.76
CA PHE A 15 0.02 -3.58 1.84
C PHE A 15 -0.67 -3.30 3.18
N ILE A 16 -1.01 -2.04 3.40
CA ILE A 16 -1.67 -1.63 4.64
C ILE A 16 -3.06 -2.26 4.75
N MET A 17 -3.64 -2.60 3.60
CA MET A 17 -4.97 -3.21 3.57
C MET A 17 -4.95 -4.58 4.24
N ILE A 18 -3.93 -5.37 3.94
CA ILE A 18 -3.79 -6.70 4.52
C ILE A 18 -3.25 -6.63 5.94
N VAL A 19 -2.01 -6.16 6.08
CA VAL A 19 -1.38 -6.04 7.38
C VAL A 19 -2.23 -5.20 8.33
N GLY A 20 -3.05 -4.32 7.76
CA GLY A 20 -3.90 -3.47 8.57
C GLY A 20 -4.79 -4.26 9.50
N LYS A 21 -5.33 -5.37 9.00
CA LYS A 21 -6.21 -6.22 9.79
C LYS A 21 -5.43 -6.94 10.90
N LYS A 22 -4.16 -7.21 10.63
CA LYS A 22 -3.30 -7.89 11.60
C LYS A 22 -2.91 -6.94 12.72
N LYS A 23 -2.83 -5.65 12.41
CA LYS A 23 -2.47 -4.65 13.41
C LYS A 23 -3.55 -4.51 14.47
N LYS A 24 -4.81 -4.68 14.06
CA LYS A 24 -5.94 -4.58 14.97
C LYS A 24 -6.29 -5.94 15.55
N LYS A 25 -6.00 -6.99 14.79
CA LYS A 25 -6.29 -8.36 15.23
C LYS A 25 -5.13 -9.29 14.88
N ASN A 1 6.55 10.48 -16.15
CA ASN A 1 7.40 9.96 -15.10
C ASN A 1 6.67 9.98 -13.75
N TRP A 2 5.74 10.91 -13.61
CA TRP A 2 4.96 11.04 -12.38
C TRP A 2 4.31 9.70 -12.00
N PHE A 3 3.99 8.90 -13.02
CA PHE A 3 3.36 7.61 -12.79
C PHE A 3 4.26 6.70 -11.96
N ASP A 4 5.58 6.91 -12.08
CA ASP A 4 6.55 6.11 -11.34
C ASP A 4 6.25 6.15 -9.85
N ILE A 5 5.67 7.25 -9.40
CA ILE A 5 5.34 7.40 -7.98
C ILE A 5 3.99 6.76 -7.65
N THR A 6 3.06 6.85 -8.60
CA THR A 6 1.74 6.28 -8.41
C THR A 6 1.81 4.77 -8.16
N ASN A 7 2.68 4.10 -8.92
CA ASN A 7 2.85 2.66 -8.79
C ASN A 7 3.46 2.31 -7.44
N TRP A 8 4.47 3.09 -7.04
CA TRP A 8 5.15 2.85 -5.77
C TRP A 8 4.17 2.90 -4.61
N LEU A 9 3.22 3.84 -4.67
CA LEU A 9 2.22 3.99 -3.63
C LEU A 9 1.26 2.80 -3.62
N TRP A 10 0.99 2.26 -4.79
CA TRP A 10 0.08 1.12 -4.92
C TRP A 10 0.70 -0.13 -4.30
N TYR A 11 2.03 -0.16 -4.24
CA TYR A 11 2.75 -1.30 -3.66
C TYR A 11 2.43 -1.44 -2.18
N ILE A 12 2.60 -0.35 -1.43
CA ILE A 12 2.34 -0.36 -0.01
C ILE A 12 0.86 -0.14 0.28
N LYS A 13 0.17 0.51 -0.64
CA LYS A 13 -1.26 0.77 -0.48
C LYS A 13 -2.01 -0.52 -0.16
N LEU A 14 -1.93 -1.47 -1.08
CA LEU A 14 -2.61 -2.76 -0.90
C LEU A 14 -2.10 -3.47 0.35
N PHE A 15 -0.82 -3.28 0.66
CA PHE A 15 -0.22 -3.91 1.83
C PHE A 15 -0.97 -3.52 3.10
N ILE A 16 -1.28 -2.24 3.24
CA ILE A 16 -2.00 -1.75 4.41
C ILE A 16 -3.38 -2.39 4.52
N MET A 17 -3.90 -2.84 3.39
CA MET A 17 -5.21 -3.49 3.35
C MET A 17 -5.19 -4.80 4.12
N ILE A 18 -4.11 -5.56 3.95
CA ILE A 18 -3.97 -6.85 4.62
C ILE A 18 -3.57 -6.67 6.08
N VAL A 19 -2.38 -6.10 6.28
CA VAL A 19 -1.87 -5.87 7.64
C VAL A 19 -2.83 -4.99 8.43
N GLY A 20 -3.62 -4.18 7.72
CA GLY A 20 -4.57 -3.30 8.39
C GLY A 20 -5.48 -4.05 9.33
N LYS A 21 -5.92 -5.24 8.92
CA LYS A 21 -6.80 -6.05 9.74
C LYS A 21 -6.08 -6.55 11.00
N LYS A 22 -4.77 -6.68 10.90
CA LYS A 22 -3.96 -7.15 12.02
C LYS A 22 -3.64 -6.00 12.98
N LYS A 23 -3.43 -4.82 12.43
CA LYS A 23 -3.13 -3.64 13.23
C LYS A 23 -4.23 -3.38 14.25
N LYS A 24 -5.48 -3.63 13.86
CA LYS A 24 -6.62 -3.43 14.73
C LYS A 24 -6.70 -4.54 15.78
N LYS A 25 -6.62 -5.78 15.33
CA LYS A 25 -6.67 -6.93 16.22
C LYS A 25 -5.33 -7.18 16.89
N ASN A 1 6.63 9.48 -15.54
CA ASN A 1 7.18 10.39 -14.54
C ASN A 1 6.26 10.46 -13.32
N TRP A 2 5.01 10.84 -13.54
CA TRP A 2 4.04 10.95 -12.46
C TRP A 2 3.58 9.56 -12.00
N PHE A 3 3.57 8.61 -12.92
CA PHE A 3 3.16 7.25 -12.61
C PHE A 3 4.23 6.51 -11.81
N ASP A 4 5.48 6.93 -11.99
CA ASP A 4 6.60 6.32 -11.29
C ASP A 4 6.35 6.31 -9.78
N ILE A 5 5.72 7.37 -9.29
CA ILE A 5 5.43 7.48 -7.87
C ILE A 5 4.14 6.75 -7.51
N THR A 6 3.12 6.92 -8.33
CA THR A 6 1.84 6.27 -8.11
C THR A 6 1.99 4.75 -8.00
N ASN A 7 2.91 4.21 -8.79
CA ASN A 7 3.17 2.77 -8.80
C ASN A 7 3.91 2.35 -7.54
N TRP A 8 4.81 3.22 -7.07
CA TRP A 8 5.58 2.93 -5.86
C TRP A 8 4.70 2.91 -4.63
N LEU A 9 3.95 3.99 -4.43
CA LEU A 9 3.05 4.10 -3.28
C LEU A 9 2.02 2.99 -3.30
N TRP A 10 1.68 2.51 -4.49
CA TRP A 10 0.70 1.44 -4.64
C TRP A 10 1.23 0.14 -4.06
N TYR A 11 2.56 0.00 -4.01
CA TYR A 11 3.18 -1.20 -3.47
C TYR A 11 2.87 -1.36 -1.99
N ILE A 12 3.12 -0.31 -1.22
CA ILE A 12 2.87 -0.34 0.22
C ILE A 12 1.41 -0.03 0.52
N LYS A 13 0.77 0.71 -0.38
CA LYS A 13 -0.63 1.06 -0.21
C LYS A 13 -1.49 -0.16 0.08
N LEU A 14 -1.49 -1.11 -0.86
CA LEU A 14 -2.26 -2.34 -0.72
C LEU A 14 -1.80 -3.13 0.51
N PHE A 15 -0.50 -3.03 0.81
CA PHE A 15 0.06 -3.73 1.96
C PHE A 15 -0.65 -3.33 3.25
N ILE A 16 -0.88 -2.03 3.43
CA ILE A 16 -1.55 -1.52 4.60
C ILE A 16 -2.97 -2.06 4.71
N MET A 17 -3.53 -2.44 3.56
CA MET A 17 -4.89 -2.98 3.52
C MET A 17 -4.98 -4.32 4.24
N ILE A 18 -3.94 -5.14 4.08
CA ILE A 18 -3.90 -6.45 4.72
C ILE A 18 -3.48 -6.32 6.18
N VAL A 19 -2.25 -5.87 6.40
CA VAL A 19 -1.72 -5.70 7.75
C VAL A 19 -2.61 -4.77 8.57
N GLY A 20 -3.34 -3.90 7.89
CA GLY A 20 -4.22 -2.96 8.57
C GLY A 20 -5.25 -3.66 9.43
N LYS A 21 -5.97 -4.61 8.83
CA LYS A 21 -7.00 -5.35 9.55
C LYS A 21 -6.37 -6.36 10.51
N LYS A 22 -5.21 -6.87 10.14
CA LYS A 22 -4.50 -7.84 10.97
C LYS A 22 -4.08 -7.22 12.30
N LYS A 23 -3.89 -5.91 12.30
CA LYS A 23 -3.51 -5.19 13.51
C LYS A 23 -4.71 -4.90 14.40
N LYS A 24 -5.87 -4.73 13.77
CA LYS A 24 -7.10 -4.46 14.50
C LYS A 24 -7.72 -5.75 15.03
N LYS A 25 -7.32 -6.13 16.25
CA LYS A 25 -7.83 -7.33 16.88
C LYS A 25 -7.45 -7.39 18.35
N ASN A 1 6.06 10.30 -16.19
CA ASN A 1 7.15 10.32 -15.22
C ASN A 1 6.60 10.21 -13.80
N TRP A 2 5.36 10.66 -13.61
CA TRP A 2 4.72 10.61 -12.30
C TRP A 2 4.26 9.19 -11.98
N PHE A 3 3.99 8.41 -13.01
CA PHE A 3 3.52 7.04 -12.84
C PHE A 3 4.46 6.27 -11.91
N ASP A 4 5.74 6.57 -11.99
CA ASP A 4 6.74 5.91 -11.16
C ASP A 4 6.35 5.98 -9.68
N ILE A 5 5.67 7.05 -9.31
CA ILE A 5 5.24 7.23 -7.93
C ILE A 5 3.95 6.46 -7.65
N THR A 6 2.98 6.59 -8.55
CA THR A 6 1.71 5.89 -8.40
C THR A 6 1.91 4.38 -8.30
N ASN A 7 2.87 3.86 -9.07
CA ASN A 7 3.16 2.44 -9.07
C ASN A 7 3.87 2.03 -7.78
N TRP A 8 4.59 2.97 -7.19
CA TRP A 8 5.33 2.72 -5.95
C TRP A 8 4.38 2.75 -4.75
N LEU A 9 3.67 3.86 -4.60
CA LEU A 9 2.73 4.02 -3.48
C LEU A 9 1.69 2.89 -3.48
N TRP A 10 1.29 2.47 -4.67
CA TRP A 10 0.30 1.41 -4.81
C TRP A 10 0.86 0.08 -4.32
N TYR A 11 2.18 -0.05 -4.36
CA TYR A 11 2.85 -1.28 -3.91
C TYR A 11 2.63 -1.51 -2.42
N ILE A 12 2.92 -0.49 -1.62
CA ILE A 12 2.76 -0.58 -0.18
C ILE A 12 1.33 -0.28 0.24
N LYS A 13 0.63 0.49 -0.59
CA LYS A 13 -0.76 0.84 -0.31
C LYS A 13 -1.59 -0.40 -0.04
N LEU A 14 -1.65 -1.30 -1.01
CA LEU A 14 -2.40 -2.55 -0.86
C LEU A 14 -1.87 -3.39 0.30
N PHE A 15 -0.56 -3.29 0.52
CA PHE A 15 0.08 -4.04 1.60
C PHE A 15 -0.55 -3.71 2.95
N ILE A 16 -0.87 -2.43 3.14
CA ILE A 16 -1.47 -1.98 4.38
C ILE A 16 -2.90 -2.50 4.52
N MET A 17 -3.52 -2.81 3.40
CA MET A 17 -4.89 -3.33 3.39
C MET A 17 -4.95 -4.70 4.06
N ILE A 18 -3.98 -5.54 3.77
CA ILE A 18 -3.92 -6.89 4.34
C ILE A 18 -3.38 -6.84 5.76
N VAL A 19 -2.13 -6.44 5.91
CA VAL A 19 -1.49 -6.35 7.21
C VAL A 19 -2.30 -5.47 8.15
N GLY A 20 -3.06 -4.54 7.58
CA GLY A 20 -3.87 -3.65 8.39
C GLY A 20 -4.80 -4.39 9.32
N LYS A 21 -5.32 -5.52 8.86
CA LYS A 21 -6.24 -6.32 9.66
C LYS A 21 -5.49 -7.09 10.74
N LYS A 22 -4.26 -7.50 10.43
CA LYS A 22 -3.43 -8.24 11.37
C LYS A 22 -3.19 -7.42 12.64
N LYS A 23 -3.20 -6.10 12.48
CA LYS A 23 -2.97 -5.19 13.61
C LYS A 23 -4.21 -5.11 14.50
N LYS A 24 -5.37 -5.37 13.91
CA LYS A 24 -6.63 -5.33 14.65
C LYS A 24 -6.99 -6.71 15.19
N LYS A 25 -7.73 -6.74 16.30
CA LYS A 25 -8.14 -8.00 16.91
C LYS A 25 -9.18 -8.70 16.06
N ASN A 1 8.80 11.89 -14.57
CA ASN A 1 8.33 10.53 -14.28
C ASN A 1 7.47 10.52 -13.02
N TRP A 2 6.24 11.03 -13.15
CA TRP A 2 5.31 11.06 -12.03
C TRP A 2 4.64 9.71 -11.84
N PHE A 3 4.31 9.05 -12.93
CA PHE A 3 3.66 7.75 -12.88
C PHE A 3 4.54 6.73 -12.16
N ASP A 4 5.85 6.96 -12.19
CA ASP A 4 6.79 6.07 -11.52
C ASP A 4 6.47 5.94 -10.04
N ILE A 5 5.87 6.98 -9.48
CA ILE A 5 5.50 6.98 -8.06
C ILE A 5 4.16 6.28 -7.83
N THR A 6 3.29 6.37 -8.83
CA THR A 6 1.97 5.74 -8.74
C THR A 6 2.10 4.26 -8.40
N ASN A 7 2.90 3.54 -9.18
CA ASN A 7 3.10 2.11 -8.95
C ASN A 7 3.83 1.87 -7.63
N TRP A 8 4.62 2.85 -7.21
CA TRP A 8 5.37 2.73 -5.96
C TRP A 8 4.44 2.76 -4.75
N LEU A 9 3.57 3.78 -4.70
CA LEU A 9 2.63 3.92 -3.60
C LEU A 9 1.56 2.83 -3.65
N TRP A 10 1.30 2.33 -4.84
CA TRP A 10 0.30 1.27 -5.03
C TRP A 10 0.79 -0.04 -4.45
N TYR A 11 2.11 -0.20 -4.38
CA TYR A 11 2.71 -1.41 -3.84
C TYR A 11 2.49 -1.52 -2.33
N ILE A 12 2.72 -0.42 -1.63
CA ILE A 12 2.56 -0.37 -0.19
C ILE A 12 1.10 -0.13 0.18
N LYS A 13 0.39 0.62 -0.66
CA LYS A 13 -1.02 0.93 -0.43
C LYS A 13 -1.81 -0.34 -0.16
N LEU A 14 -1.81 -1.25 -1.13
CA LEU A 14 -2.54 -2.51 -0.99
C LEU A 14 -1.99 -3.33 0.17
N PHE A 15 -0.70 -3.18 0.45
CA PHE A 15 -0.07 -3.89 1.54
C PHE A 15 -0.73 -3.57 2.87
N ILE A 16 -0.96 -2.29 3.11
CA ILE A 16 -1.59 -1.84 4.34
C ILE A 16 -2.98 -2.44 4.50
N MET A 17 -3.58 -2.81 3.38
CA MET A 17 -4.92 -3.40 3.39
C MET A 17 -4.91 -4.76 4.09
N ILE A 18 -3.88 -5.55 3.80
CA ILE A 18 -3.75 -6.87 4.40
C ILE A 18 -3.26 -6.78 5.84
N VAL A 19 -2.04 -6.28 6.01
CA VAL A 19 -1.45 -6.14 7.34
C VAL A 19 -2.32 -5.27 8.24
N GLY A 20 -3.12 -4.41 7.62
CA GLY A 20 -3.99 -3.53 8.37
C GLY A 20 -4.91 -4.30 9.31
N LYS A 21 -5.50 -5.38 8.80
CA LYS A 21 -6.40 -6.20 9.60
C LYS A 21 -5.68 -6.81 10.79
N LYS A 22 -4.44 -7.24 10.56
CA LYS A 22 -3.63 -7.85 11.62
C LYS A 22 -3.44 -6.88 12.78
N LYS A 23 -3.49 -5.59 12.49
CA LYS A 23 -3.33 -4.56 13.51
C LYS A 23 -4.61 -4.41 14.33
N LYS A 24 -5.75 -4.67 13.70
CA LYS A 24 -7.04 -4.58 14.38
C LYS A 24 -7.43 -5.91 15.00
N LYS A 25 -7.92 -5.86 16.23
CA LYS A 25 -8.34 -7.07 16.93
C LYS A 25 -9.64 -7.62 16.35
N ASN A 1 6.40 9.69 -15.87
CA ASN A 1 7.06 10.35 -14.76
C ASN A 1 6.20 10.32 -13.51
N TRP A 2 4.92 10.66 -13.67
CA TRP A 2 3.98 10.66 -12.55
C TRP A 2 3.61 9.23 -12.16
N PHE A 3 3.47 8.36 -13.14
CA PHE A 3 3.12 6.97 -12.89
C PHE A 3 4.17 6.29 -12.01
N ASP A 4 5.41 6.77 -12.09
CA ASP A 4 6.50 6.22 -11.31
C ASP A 4 6.17 6.24 -9.82
N ILE A 5 5.42 7.26 -9.40
CA ILE A 5 5.04 7.39 -8.00
C ILE A 5 3.82 6.54 -7.69
N THR A 6 2.84 6.55 -8.59
CA THR A 6 1.62 5.78 -8.40
C THR A 6 1.93 4.29 -8.24
N ASN A 7 2.64 3.74 -9.22
CA ASN A 7 3.00 2.32 -9.19
C ASN A 7 3.74 1.98 -7.90
N TRP A 8 4.45 2.96 -7.36
CA TRP A 8 5.21 2.75 -6.13
C TRP A 8 4.28 2.75 -4.91
N LEU A 9 3.54 3.85 -4.73
CA LEU A 9 2.62 3.97 -3.62
C LEU A 9 1.61 2.82 -3.62
N TRP A 10 1.30 2.32 -4.80
CA TRP A 10 0.35 1.22 -4.93
C TRP A 10 0.92 -0.06 -4.35
N TYR A 11 2.24 -0.16 -4.31
CA TYR A 11 2.91 -1.34 -3.78
C TYR A 11 2.64 -1.49 -2.28
N ILE A 12 2.88 -0.41 -1.54
CA ILE A 12 2.65 -0.42 -0.10
C ILE A 12 1.19 -0.17 0.24
N LYS A 13 0.50 0.54 -0.65
CA LYS A 13 -0.92 0.84 -0.45
C LYS A 13 -1.71 -0.43 -0.14
N LEU A 14 -1.69 -1.37 -1.08
CA LEU A 14 -2.40 -2.63 -0.91
C LEU A 14 -1.88 -3.39 0.30
N PHE A 15 -0.59 -3.25 0.59
CA PHE A 15 0.03 -3.92 1.72
C PHE A 15 -0.67 -3.55 3.02
N ILE A 16 -0.94 -2.26 3.18
CA ILE A 16 -1.61 -1.77 4.39
C ILE A 16 -3.01 -2.38 4.52
N MET A 17 -3.59 -2.78 3.39
CA MET A 17 -4.91 -3.37 3.39
C MET A 17 -4.92 -4.71 4.12
N ILE A 18 -3.86 -5.48 3.93
CA ILE A 18 -3.74 -6.79 4.57
C ILE A 18 -3.29 -6.65 6.02
N VAL A 19 -2.08 -6.14 6.21
CA VAL A 19 -1.53 -5.94 7.55
C VAL A 19 -2.44 -5.06 8.39
N GLY A 20 -3.21 -4.20 7.73
CA GLY A 20 -4.11 -3.31 8.42
C GLY A 20 -5.08 -4.05 9.34
N LYS A 21 -5.54 -5.20 8.89
CA LYS A 21 -6.46 -6.02 9.67
C LYS A 21 -5.72 -6.81 10.74
N LYS A 22 -4.52 -7.26 10.40
CA LYS A 22 -3.71 -8.04 11.33
C LYS A 22 -3.31 -7.20 12.55
N LYS A 23 -3.13 -5.91 12.33
CA LYS A 23 -2.76 -5.00 13.40
C LYS A 23 -3.95 -4.68 14.30
N LYS A 24 -5.14 -4.63 13.69
CA LYS A 24 -6.36 -4.34 14.42
C LYS A 24 -6.99 -5.63 14.95
N LYS A 25 -6.49 -6.09 16.10
CA LYS A 25 -7.01 -7.31 16.72
C LYS A 25 -6.81 -8.51 15.80
N ASN A 1 9.96 10.91 -14.14
CA ASN A 1 8.59 10.53 -14.45
C ASN A 1 7.75 10.46 -13.16
N TRP A 2 6.55 11.02 -13.23
CA TRP A 2 5.65 11.03 -12.07
C TRP A 2 4.99 9.67 -11.89
N PHE A 3 4.81 8.95 -12.99
CA PHE A 3 4.19 7.63 -12.95
C PHE A 3 4.96 6.70 -12.03
N ASP A 4 6.26 6.94 -11.90
CA ASP A 4 7.12 6.12 -11.05
C ASP A 4 6.60 6.10 -9.61
N ILE A 5 5.95 7.20 -9.21
CA ILE A 5 5.41 7.31 -7.87
C ILE A 5 4.05 6.60 -7.76
N THR A 6 3.31 6.58 -8.86
CA THR A 6 2.00 5.94 -8.89
C THR A 6 2.12 4.45 -8.59
N ASN A 7 3.12 3.80 -9.18
CA ASN A 7 3.33 2.38 -8.98
C ASN A 7 3.98 2.11 -7.62
N TRP A 8 4.73 3.09 -7.13
CA TRP A 8 5.40 2.97 -5.84
C TRP A 8 4.38 2.98 -4.70
N LEU A 9 3.64 4.07 -4.58
CA LEU A 9 2.64 4.22 -3.54
C LEU A 9 1.60 3.09 -3.62
N TRP A 10 1.42 2.56 -4.82
CA TRP A 10 0.46 1.48 -5.03
C TRP A 10 0.95 0.18 -4.39
N TYR A 11 2.26 0.06 -4.25
CA TYR A 11 2.85 -1.14 -3.65
C TYR A 11 2.54 -1.20 -2.15
N ILE A 12 2.71 -0.08 -1.46
CA ILE A 12 2.45 -0.02 -0.03
C ILE A 12 0.97 0.21 0.24
N LYS A 13 0.30 0.92 -0.65
CA LYS A 13 -1.12 1.20 -0.52
C LYS A 13 -1.91 -0.08 -0.27
N LEU A 14 -1.83 -1.01 -1.21
CA LEU A 14 -2.54 -2.28 -1.09
C LEU A 14 -2.04 -3.06 0.13
N PHE A 15 -0.78 -2.86 0.48
CA PHE A 15 -0.19 -3.55 1.62
C PHE A 15 -0.95 -3.20 2.91
N ILE A 16 -1.21 -1.92 3.10
CA ILE A 16 -1.92 -1.46 4.29
C ILE A 16 -3.32 -2.08 4.38
N MET A 17 -3.84 -2.48 3.23
CA MET A 17 -5.17 -3.10 3.17
C MET A 17 -5.17 -4.45 3.90
N ILE A 18 -4.09 -5.19 3.77
CA ILE A 18 -3.96 -6.49 4.42
C ILE A 18 -3.52 -6.34 5.87
N VAL A 19 -2.31 -5.83 6.06
CA VAL A 19 -1.76 -5.63 7.40
C VAL A 19 -2.68 -4.74 8.24
N GLY A 20 -3.45 -3.90 7.56
CA GLY A 20 -4.37 -3.01 8.26
C GLY A 20 -5.30 -3.75 9.20
N LYS A 21 -5.66 -4.97 8.83
CA LYS A 21 -6.55 -5.78 9.64
C LYS A 21 -5.78 -6.50 10.74
N LYS A 22 -4.54 -6.85 10.46
CA LYS A 22 -3.69 -7.53 11.43
C LYS A 22 -3.53 -6.71 12.70
N LYS A 23 -3.32 -5.41 12.54
CA LYS A 23 -3.16 -4.50 13.66
C LYS A 23 -4.37 -4.56 14.58
N LYS A 24 -5.56 -4.70 13.98
CA LYS A 24 -6.80 -4.76 14.74
C LYS A 24 -7.17 -6.20 15.04
N LYS A 25 -6.22 -6.96 15.60
CA LYS A 25 -6.46 -8.35 15.94
C LYS A 25 -6.80 -9.16 14.70
N ASN A 1 6.46 12.46 -14.49
CA ASN A 1 6.66 11.16 -13.85
C ASN A 1 5.72 10.99 -12.66
N TRP A 2 4.42 11.18 -12.90
CA TRP A 2 3.42 11.05 -11.85
C TRP A 2 3.11 9.58 -11.58
N PHE A 3 3.30 8.75 -12.59
CA PHE A 3 3.04 7.32 -12.46
C PHE A 3 4.18 6.61 -11.75
N ASP A 4 5.37 7.20 -11.84
CA ASP A 4 6.56 6.62 -11.20
C ASP A 4 6.34 6.49 -9.70
N ILE A 5 5.71 7.49 -9.10
CA ILE A 5 5.45 7.49 -7.67
C ILE A 5 4.19 6.69 -7.34
N THR A 6 3.21 6.75 -8.23
CA THR A 6 1.95 6.04 -8.05
C THR A 6 2.20 4.54 -7.93
N ASN A 7 2.89 3.97 -8.92
CA ASN A 7 3.18 2.55 -8.92
C ASN A 7 3.93 2.13 -7.65
N TRP A 8 4.70 3.07 -7.10
CA TRP A 8 5.46 2.80 -5.89
C TRP A 8 4.55 2.78 -4.66
N LEU A 9 3.86 3.89 -4.42
CA LEU A 9 2.95 4.00 -3.29
C LEU A 9 1.84 2.95 -3.37
N TRP A 10 1.55 2.52 -4.59
CA TRP A 10 0.50 1.51 -4.81
C TRP A 10 0.95 0.14 -4.29
N TYR A 11 2.27 -0.06 -4.24
CA TYR A 11 2.82 -1.32 -3.77
C TYR A 11 2.59 -1.49 -2.27
N ILE A 12 2.87 -0.44 -1.51
CA ILE A 12 2.70 -0.47 -0.06
C ILE A 12 1.25 -0.17 0.31
N LYS A 13 0.59 0.64 -0.49
CA LYS A 13 -0.81 1.00 -0.25
C LYS A 13 -1.66 -0.24 -0.02
N LEU A 14 -1.70 -1.11 -1.03
CA LEU A 14 -2.49 -2.34 -0.95
C LEU A 14 -1.99 -3.23 0.19
N PHE A 15 -0.68 -3.14 0.46
CA PHE A 15 -0.08 -3.93 1.53
C PHE A 15 -0.73 -3.63 2.87
N ILE A 16 -0.90 -2.35 3.16
CA ILE A 16 -1.51 -1.92 4.41
C ILE A 16 -2.94 -2.46 4.54
N MET A 17 -3.56 -2.76 3.41
CA MET A 17 -4.91 -3.29 3.39
C MET A 17 -4.97 -4.67 4.03
N ILE A 18 -3.98 -5.50 3.71
CA ILE A 18 -3.92 -6.85 4.25
C ILE A 18 -3.42 -6.85 5.69
N VAL A 19 -2.18 -6.42 5.88
CA VAL A 19 -1.58 -6.35 7.20
C VAL A 19 -2.40 -5.49 8.14
N GLY A 20 -3.15 -4.55 7.56
CA GLY A 20 -3.98 -3.67 8.36
C GLY A 20 -4.97 -4.43 9.23
N LYS A 21 -5.72 -5.33 8.61
CA LYS A 21 -6.71 -6.12 9.33
C LYS A 21 -6.08 -6.86 10.51
N LYS A 22 -4.88 -7.38 10.28
CA LYS A 22 -4.16 -8.10 11.32
C LYS A 22 -3.73 -7.16 12.45
N LYS A 23 -3.41 -5.92 12.09
CA LYS A 23 -3.00 -4.92 13.06
C LYS A 23 -4.05 -4.76 14.15
N LYS A 24 -5.31 -4.88 13.77
CA LYS A 24 -6.42 -4.74 14.72
C LYS A 24 -6.72 -6.08 15.39
N LYS A 25 -7.39 -6.01 16.54
CA LYS A 25 -7.74 -7.22 17.29
C LYS A 25 -8.61 -8.15 16.45
N ASN A 1 7.49 10.20 -15.67
CA ASN A 1 8.29 10.04 -14.46
C ASN A 1 7.41 9.96 -13.24
N TRP A 2 6.31 10.70 -13.25
CA TRP A 2 5.37 10.72 -12.13
C TRP A 2 4.80 9.32 -11.89
N PHE A 3 4.74 8.52 -12.94
CA PHE A 3 4.21 7.16 -12.84
C PHE A 3 5.04 6.32 -11.88
N ASP A 4 6.33 6.64 -11.80
CA ASP A 4 7.24 5.92 -10.91
C ASP A 4 6.78 6.01 -9.47
N ILE A 5 6.15 7.13 -9.12
CA ILE A 5 5.66 7.35 -7.76
C ILE A 5 4.28 6.74 -7.57
N THR A 6 3.54 6.63 -8.67
CA THR A 6 2.20 6.07 -8.62
C THR A 6 2.23 4.57 -8.33
N ASN A 7 3.10 3.85 -9.04
CA ASN A 7 3.24 2.42 -8.85
C ASN A 7 3.87 2.10 -7.50
N TRP A 8 4.72 3.00 -7.02
CA TRP A 8 5.39 2.82 -5.74
C TRP A 8 4.39 2.87 -4.59
N LEU A 9 3.67 3.98 -4.49
CA LEU A 9 2.68 4.14 -3.42
C LEU A 9 1.58 3.10 -3.54
N TRP A 10 1.33 2.64 -4.75
CA TRP A 10 0.30 1.63 -5.00
C TRP A 10 0.74 0.27 -4.45
N TYR A 11 2.05 0.07 -4.35
CA TYR A 11 2.59 -1.19 -3.84
C TYR A 11 2.34 -1.31 -2.35
N ILE A 12 2.60 -0.24 -1.61
CA ILE A 12 2.40 -0.23 -0.17
C ILE A 12 0.95 0.05 0.19
N LYS A 13 0.29 0.85 -0.63
CA LYS A 13 -1.12 1.18 -0.41
C LYS A 13 -1.95 -0.08 -0.20
N LEU A 14 -1.97 -0.94 -1.20
CA LEU A 14 -2.73 -2.19 -1.14
C LEU A 14 -2.22 -3.07 0.00
N PHE A 15 -0.94 -2.93 0.32
CA PHE A 15 -0.34 -3.72 1.39
C PHE A 15 -1.00 -3.42 2.73
N ILE A 16 -1.28 -2.15 2.98
CA ILE A 16 -1.92 -1.73 4.22
C ILE A 16 -3.34 -2.29 4.33
N MET A 17 -3.93 -2.61 3.18
CA MET A 17 -5.28 -3.15 3.14
C MET A 17 -5.33 -4.53 3.79
N ILE A 18 -4.33 -5.35 3.50
CA ILE A 18 -4.24 -6.69 4.07
C ILE A 18 -3.77 -6.66 5.51
N VAL A 19 -2.53 -6.21 5.71
CA VAL A 19 -1.95 -6.12 7.05
C VAL A 19 -2.82 -5.27 7.97
N GLY A 20 -3.60 -4.36 7.37
CA GLY A 20 -4.46 -3.50 8.15
C GLY A 20 -5.35 -4.28 9.10
N LYS A 21 -5.71 -5.50 8.71
CA LYS A 21 -6.57 -6.34 9.54
C LYS A 21 -5.75 -7.05 10.61
N LYS A 22 -4.57 -7.52 10.23
CA LYS A 22 -3.69 -8.22 11.17
C LYS A 22 -3.31 -7.31 12.34
N LYS A 23 -3.31 -6.01 12.09
CA LYS A 23 -2.97 -5.03 13.12
C LYS A 23 -3.86 -5.21 14.35
N LYS A 24 -5.09 -5.63 14.12
CA LYS A 24 -6.05 -5.84 15.21
C LYS A 24 -5.88 -7.22 15.83
N LYS A 25 -6.52 -7.44 16.97
CA LYS A 25 -6.45 -8.72 17.66
C LYS A 25 -7.04 -9.84 16.81
N ASN A 1 7.87 11.31 -15.59
CA ASN A 1 8.02 10.14 -14.74
C ASN A 1 7.12 10.24 -13.52
N TRP A 2 5.93 10.79 -13.71
CA TRP A 2 4.96 10.95 -12.62
C TRP A 2 4.29 9.62 -12.29
N PHE A 3 4.14 8.77 -13.32
CA PHE A 3 3.51 7.47 -13.14
C PHE A 3 4.37 6.56 -12.28
N ASP A 4 5.68 6.79 -12.29
CA ASP A 4 6.61 5.99 -11.51
C ASP A 4 6.19 5.94 -10.04
N ILE A 5 5.54 7.01 -9.58
CA ILE A 5 5.08 7.09 -8.21
C ILE A 5 3.72 6.43 -8.04
N THR A 6 2.91 6.48 -9.10
CA THR A 6 1.57 5.88 -9.07
C THR A 6 1.64 4.41 -8.71
N ASN A 7 2.55 3.68 -9.34
CA ASN A 7 2.72 2.26 -9.08
C ASN A 7 3.36 2.02 -7.72
N TRP A 8 4.30 2.90 -7.36
CA TRP A 8 4.99 2.78 -6.08
C TRP A 8 4.01 2.91 -4.92
N LEU A 9 3.26 4.01 -4.90
CA LEU A 9 2.29 4.25 -3.84
C LEU A 9 1.30 3.10 -3.73
N TRP A 10 0.96 2.51 -4.87
CA TRP A 10 0.04 1.38 -4.90
C TRP A 10 0.64 0.14 -4.26
N TYR A 11 1.97 0.07 -4.26
CA TYR A 11 2.68 -1.06 -3.67
C TYR A 11 2.47 -1.10 -2.16
N ILE A 12 2.70 0.03 -1.51
CA ILE A 12 2.54 0.13 -0.06
C ILE A 12 1.09 0.36 0.32
N LYS A 13 0.34 0.99 -0.58
CA LYS A 13 -1.07 1.28 -0.34
C LYS A 13 -1.82 0.02 0.06
N LEU A 14 -1.81 -0.98 -0.81
CA LEU A 14 -2.48 -2.25 -0.54
C LEU A 14 -1.90 -2.93 0.70
N PHE A 15 -0.60 -2.72 0.92
CA PHE A 15 0.08 -3.31 2.06
C PHE A 15 -0.58 -2.88 3.37
N ILE A 16 -0.87 -1.58 3.47
CA ILE A 16 -1.50 -1.04 4.67
C ILE A 16 -2.87 -1.66 4.90
N MET A 17 -3.48 -2.15 3.83
CA MET A 17 -4.79 -2.78 3.91
C MET A 17 -4.74 -4.06 4.73
N ILE A 18 -3.67 -4.82 4.55
CA ILE A 18 -3.48 -6.07 5.27
C ILE A 18 -2.95 -5.83 6.69
N VAL A 19 -1.74 -5.29 6.77
CA VAL A 19 -1.12 -5.00 8.06
C VAL A 19 -2.00 -4.06 8.89
N GLY A 20 -2.83 -3.27 8.21
CA GLY A 20 -3.71 -2.35 8.90
C GLY A 20 -4.70 -3.05 9.81
N LYS A 21 -5.48 -3.96 9.23
CA LYS A 21 -6.47 -4.70 9.98
C LYS A 21 -5.82 -5.78 10.83
N LYS A 22 -4.66 -6.26 10.38
CA LYS A 22 -3.92 -7.30 11.10
C LYS A 22 -3.53 -6.81 12.49
N LYS A 23 -3.33 -5.52 12.62
CA LYS A 23 -2.94 -4.92 13.90
C LYS A 23 -3.95 -5.27 14.99
N LYS A 24 -5.21 -5.45 14.59
CA LYS A 24 -6.27 -5.79 15.54
C LYS A 24 -6.22 -7.27 15.89
N LYS A 25 -6.14 -8.13 14.86
CA LYS A 25 -6.08 -9.56 15.07
C LYS A 25 -4.68 -10.00 15.45
N ASN A 1 8.12 10.82 -15.46
CA ASN A 1 8.23 9.64 -14.61
C ASN A 1 7.20 9.69 -13.49
N TRP A 2 6.05 10.30 -13.76
CA TRP A 2 4.99 10.41 -12.76
C TRP A 2 4.40 9.04 -12.44
N PHE A 3 4.26 8.21 -13.47
CA PHE A 3 3.70 6.87 -13.30
C PHE A 3 4.57 6.04 -12.36
N ASP A 4 5.86 6.36 -12.32
CA ASP A 4 6.81 5.63 -11.47
C ASP A 4 6.37 5.71 -10.01
N ILE A 5 5.72 6.81 -9.64
CA ILE A 5 5.27 7.00 -8.28
C ILE A 5 3.99 6.23 -8.01
N THR A 6 3.12 6.15 -9.03
CA THR A 6 1.86 5.43 -8.90
C THR A 6 2.09 3.98 -8.50
N ASN A 7 2.94 3.29 -9.27
CA ASN A 7 3.24 1.90 -8.99
C ASN A 7 3.91 1.74 -7.63
N TRP A 8 4.65 2.76 -7.22
CA TRP A 8 5.34 2.74 -5.94
C TRP A 8 4.36 2.81 -4.78
N LEU A 9 3.62 3.91 -4.70
CA LEU A 9 2.63 4.10 -3.64
C LEU A 9 1.62 2.94 -3.62
N TRP A 10 1.43 2.32 -4.78
CA TRP A 10 0.50 1.21 -4.90
C TRP A 10 1.02 -0.02 -4.17
N TYR A 11 2.35 -0.10 -4.04
CA TYR A 11 2.98 -1.24 -3.37
C TYR A 11 2.69 -1.20 -1.87
N ILE A 12 2.85 -0.03 -1.27
CA ILE A 12 2.62 0.14 0.16
C ILE A 12 1.13 0.34 0.45
N LYS A 13 0.43 0.97 -0.49
CA LYS A 13 -0.99 1.23 -0.33
C LYS A 13 -1.74 -0.05 0.02
N LEU A 14 -1.66 -1.05 -0.85
CA LEU A 14 -2.33 -2.33 -0.64
C LEU A 14 -1.80 -3.00 0.64
N PHE A 15 -0.53 -2.76 0.93
CA PHE A 15 0.08 -3.35 2.12
C PHE A 15 -0.65 -2.93 3.39
N ILE A 16 -0.95 -1.64 3.49
CA ILE A 16 -1.65 -1.11 4.66
C ILE A 16 -3.03 -1.76 4.81
N MET A 17 -3.55 -2.27 3.71
CA MET A 17 -4.86 -2.92 3.72
C MET A 17 -4.82 -4.21 4.54
N ILE A 18 -3.73 -4.96 4.41
CA ILE A 18 -3.57 -6.21 5.14
C ILE A 18 -3.12 -5.95 6.57
N VAL A 19 -1.93 -5.38 6.73
CA VAL A 19 -1.39 -5.07 8.05
C VAL A 19 -2.34 -4.16 8.83
N GLY A 20 -3.14 -3.40 8.10
CA GLY A 20 -4.08 -2.49 8.74
C GLY A 20 -5.13 -3.22 9.56
N LYS A 21 -5.83 -4.16 8.93
CA LYS A 21 -6.86 -4.93 9.60
C LYS A 21 -6.25 -5.96 10.55
N LYS A 22 -5.05 -6.43 10.21
CA LYS A 22 -4.36 -7.41 11.04
C LYS A 22 -3.99 -6.82 12.39
N LYS A 23 -3.81 -5.50 12.43
CA LYS A 23 -3.47 -4.82 13.67
C LYS A 23 -4.52 -5.08 14.75
N LYS A 24 -5.76 -5.28 14.32
CA LYS A 24 -6.86 -5.54 15.25
C LYS A 24 -7.29 -7.00 15.17
N LYS A 25 -6.33 -7.88 14.92
CA LYS A 25 -6.61 -9.31 14.82
C LYS A 25 -5.45 -10.13 15.37
N ASN A 1 6.81 12.04 -16.12
CA ASN A 1 6.44 10.68 -15.74
C ASN A 1 6.06 10.60 -14.27
N TRP A 2 4.88 11.12 -13.94
CA TRP A 2 4.40 11.11 -12.56
C TRP A 2 3.86 9.74 -12.18
N PHE A 3 3.38 9.00 -13.18
CA PHE A 3 2.84 7.67 -12.95
C PHE A 3 3.86 6.79 -12.23
N ASP A 4 5.14 7.05 -12.47
CA ASP A 4 6.22 6.27 -11.85
C ASP A 4 6.04 6.22 -10.33
N ILE A 5 5.48 7.29 -9.77
CA ILE A 5 5.25 7.36 -8.33
C ILE A 5 3.96 6.65 -7.94
N THR A 6 2.94 6.76 -8.79
CA THR A 6 1.66 6.13 -8.54
C THR A 6 1.79 4.60 -8.49
N ASN A 7 2.62 4.06 -9.38
CA ASN A 7 2.84 2.62 -9.44
C ASN A 7 3.62 2.14 -8.22
N TRP A 8 4.41 3.03 -7.64
CA TRP A 8 5.21 2.70 -6.46
C TRP A 8 4.34 2.71 -5.20
N LEU A 9 3.63 3.81 -4.98
CA LEU A 9 2.78 3.94 -3.81
C LEU A 9 1.75 2.81 -3.75
N TRP A 10 1.39 2.29 -4.92
CA TRP A 10 0.42 1.19 -5.00
C TRP A 10 1.00 -0.08 -4.41
N TYR A 11 2.33 -0.19 -4.41
CA TYR A 11 3.00 -1.37 -3.89
C TYR A 11 2.77 -1.50 -2.38
N ILE A 12 3.03 -0.42 -1.65
CA ILE A 12 2.85 -0.41 -0.21
C ILE A 12 1.39 -0.12 0.16
N LYS A 13 0.69 0.58 -0.72
CA LYS A 13 -0.70 0.91 -0.49
C LYS A 13 -1.52 -0.33 -0.14
N LEU A 14 -1.54 -1.30 -1.06
CA LEU A 14 -2.27 -2.54 -0.85
C LEU A 14 -1.73 -3.29 0.37
N PHE A 15 -0.44 -3.17 0.60
CA PHE A 15 0.20 -3.82 1.74
C PHE A 15 -0.46 -3.41 3.05
N ILE A 16 -0.71 -2.12 3.21
CA ILE A 16 -1.34 -1.59 4.41
C ILE A 16 -2.74 -2.16 4.59
N MET A 17 -3.34 -2.58 3.49
CA MET A 17 -4.68 -3.15 3.52
C MET A 17 -4.70 -4.48 4.28
N ILE A 18 -3.66 -5.28 4.08
CA ILE A 18 -3.55 -6.57 4.74
C ILE A 18 -3.08 -6.41 6.18
N VAL A 19 -1.86 -5.91 6.35
CA VAL A 19 -1.29 -5.70 7.67
C VAL A 19 -2.17 -4.78 8.51
N GLY A 20 -2.94 -3.94 7.83
CA GLY A 20 -3.82 -3.01 8.53
C GLY A 20 -4.80 -3.72 9.44
N LYS A 21 -5.41 -4.78 8.94
CA LYS A 21 -6.38 -5.55 9.72
C LYS A 21 -5.69 -6.31 10.85
N LYS A 22 -4.47 -6.78 10.58
CA LYS A 22 -3.70 -7.51 11.57
C LYS A 22 -3.55 -6.71 12.86
N LYS A 23 -3.37 -5.40 12.71
CA LYS A 23 -3.23 -4.52 13.86
C LYS A 23 -4.53 -4.39 14.62
N LYS A 24 -5.65 -4.41 13.90
CA LYS A 24 -6.97 -4.29 14.51
C LYS A 24 -7.65 -5.65 14.57
N LYS A 25 -6.93 -6.65 15.07
CA LYS A 25 -7.47 -8.00 15.19
C LYS A 25 -7.81 -8.57 13.83
N ASN A 1 7.35 11.63 -15.22
CA ASN A 1 7.45 10.27 -14.70
C ASN A 1 6.71 10.14 -13.37
N TRP A 2 5.55 10.80 -13.28
CA TRP A 2 4.75 10.76 -12.07
C TRP A 2 4.25 9.34 -11.79
N PHE A 3 4.07 8.56 -12.85
CA PHE A 3 3.59 7.18 -12.72
C PHE A 3 4.55 6.37 -11.86
N ASP A 4 5.81 6.75 -11.85
CA ASP A 4 6.83 6.05 -11.07
C ASP A 4 6.45 6.04 -9.59
N ILE A 5 5.84 7.13 -9.13
CA ILE A 5 5.43 7.25 -7.74
C ILE A 5 4.12 6.51 -7.48
N THR A 6 3.22 6.55 -8.46
CA THR A 6 1.94 5.89 -8.34
C THR A 6 2.11 4.41 -8.04
N ASN A 7 2.81 3.70 -8.92
CA ASN A 7 3.05 2.27 -8.74
C ASN A 7 3.75 2.00 -7.42
N TRP A 8 4.53 2.98 -6.95
CA TRP A 8 5.26 2.84 -5.70
C TRP A 8 4.31 2.87 -4.50
N LEU A 9 3.59 3.98 -4.35
CA LEU A 9 2.64 4.12 -3.25
C LEU A 9 1.59 3.02 -3.27
N TRP A 10 1.30 2.52 -4.48
CA TRP A 10 0.32 1.47 -4.64
C TRP A 10 0.82 0.15 -4.07
N TYR A 11 2.14 0.00 -4.01
CA TYR A 11 2.75 -1.21 -3.49
C TYR A 11 2.52 -1.32 -1.98
N ILE A 12 2.77 -0.23 -1.27
CA ILE A 12 2.58 -0.21 0.18
C ILE A 12 1.13 0.04 0.55
N LYS A 13 0.43 0.79 -0.30
CA LYS A 13 -0.97 1.10 -0.07
C LYS A 13 -1.78 -0.17 0.21
N LEU A 14 -1.78 -1.09 -0.75
CA LEU A 14 -2.51 -2.34 -0.61
C LEU A 14 -1.97 -3.15 0.57
N PHE A 15 -0.68 -3.00 0.84
CA PHE A 15 -0.04 -3.73 1.94
C PHE A 15 -0.71 -3.38 3.27
N ILE A 16 -0.99 -2.10 3.47
CA ILE A 16 -1.63 -1.64 4.70
C ILE A 16 -3.03 -2.22 4.83
N MET A 17 -3.62 -2.59 3.71
CA MET A 17 -4.96 -3.16 3.71
C MET A 17 -4.97 -4.52 4.41
N ILE A 18 -3.91 -5.30 4.21
CA ILE A 18 -3.80 -6.61 4.83
C ILE A 18 -3.31 -6.51 6.26
N VAL A 19 -2.08 -6.02 6.43
CA VAL A 19 -1.49 -5.87 7.75
C VAL A 19 -2.35 -4.97 8.64
N GLY A 20 -3.12 -4.10 8.00
CA GLY A 20 -3.98 -3.20 8.75
C GLY A 20 -4.91 -3.93 9.70
N LYS A 21 -5.35 -5.11 9.30
CA LYS A 21 -6.25 -5.92 10.11
C LYS A 21 -5.49 -6.59 11.25
N LYS A 22 -4.21 -6.84 11.03
CA LYS A 22 -3.36 -7.48 12.03
C LYS A 22 -3.11 -6.54 13.21
N LYS A 23 -3.10 -5.24 12.93
CA LYS A 23 -2.87 -4.23 13.97
C LYS A 23 -4.09 -4.08 14.86
N LYS A 24 -5.27 -4.33 14.28
CA LYS A 24 -6.52 -4.22 15.02
C LYS A 24 -6.75 -5.45 15.90
N LYS A 25 -6.28 -6.59 15.43
CA LYS A 25 -6.43 -7.84 16.18
C LYS A 25 -5.66 -8.98 15.51
N ASN A 1 9.50 10.23 -15.22
CA ASN A 1 8.05 10.16 -15.26
C ASN A 1 7.46 10.05 -13.86
N TRP A 2 6.36 10.75 -13.63
CA TRP A 2 5.71 10.74 -12.32
C TRP A 2 5.01 9.40 -12.08
N PHE A 3 4.63 8.73 -13.15
CA PHE A 3 3.96 7.43 -13.05
C PHE A 3 4.76 6.47 -12.18
N ASP A 4 6.07 6.65 -12.17
CA ASP A 4 6.95 5.79 -11.39
C ASP A 4 6.58 5.84 -9.91
N ILE A 5 6.06 6.99 -9.48
CA ILE A 5 5.66 7.16 -8.08
C ILE A 5 4.29 6.54 -7.83
N THR A 6 3.45 6.51 -8.86
CA THR A 6 2.11 5.94 -8.74
C THR A 6 2.17 4.47 -8.37
N ASN A 7 2.96 3.71 -9.11
CA ASN A 7 3.10 2.28 -8.86
C ASN A 7 3.75 2.03 -7.50
N TRP A 8 4.61 2.94 -7.09
CA TRP A 8 5.30 2.81 -5.80
C TRP A 8 4.30 2.88 -4.65
N LEU A 9 3.58 3.99 -4.55
CA LEU A 9 2.59 4.18 -3.50
C LEU A 9 1.57 3.05 -3.51
N TRP A 10 1.32 2.49 -4.70
CA TRP A 10 0.36 1.39 -4.83
C TRP A 10 0.90 0.12 -4.19
N TYR A 11 2.22 0.01 -4.10
CA TYR A 11 2.85 -1.16 -3.50
C TYR A 11 2.60 -1.21 -2.00
N ILE A 12 2.80 -0.07 -1.34
CA ILE A 12 2.60 0.02 0.10
C ILE A 12 1.13 0.23 0.44
N LYS A 13 0.42 0.92 -0.46
CA LYS A 13 -1.01 1.20 -0.26
C LYS A 13 -1.77 -0.08 0.06
N LEU A 14 -1.73 -1.03 -0.87
CA LEU A 14 -2.42 -2.31 -0.68
C LEU A 14 -1.88 -3.05 0.53
N PHE A 15 -0.60 -2.85 0.82
CA PHE A 15 0.04 -3.51 1.95
C PHE A 15 -0.65 -3.13 3.26
N ILE A 16 -0.94 -1.84 3.42
CA ILE A 16 -1.60 -1.35 4.63
C ILE A 16 -2.98 -1.98 4.78
N MET A 17 -3.56 -2.42 3.67
CA MET A 17 -4.87 -3.04 3.68
C MET A 17 -4.84 -4.37 4.44
N ILE A 18 -3.76 -5.12 4.27
CA ILE A 18 -3.60 -6.40 4.93
C ILE A 18 -3.13 -6.22 6.37
N VAL A 19 -1.92 -5.69 6.52
CA VAL A 19 -1.34 -5.46 7.83
C VAL A 19 -2.24 -4.56 8.68
N GLY A 20 -3.05 -3.75 8.02
CA GLY A 20 -3.94 -2.86 8.72
C GLY A 20 -4.93 -3.60 9.60
N LYS A 21 -5.69 -4.50 9.00
CA LYS A 21 -6.69 -5.27 9.74
C LYS A 21 -6.01 -6.17 10.78
N LYS A 22 -4.76 -6.53 10.51
CA LYS A 22 -4.00 -7.38 11.43
C LYS A 22 -3.59 -6.61 12.67
N LYS A 23 -3.48 -5.30 12.55
CA LYS A 23 -3.10 -4.45 13.66
C LYS A 23 -4.05 -4.65 14.84
N LYS A 24 -5.31 -4.94 14.54
CA LYS A 24 -6.31 -5.15 15.58
C LYS A 24 -6.08 -6.49 16.29
N LYS A 25 -6.02 -7.56 15.51
CA LYS A 25 -5.80 -8.90 16.05
C LYS A 25 -4.78 -9.67 15.21
#